data_4RUQ
#
_entry.id   4RUQ
#
_cell.length_a   44.310
_cell.length_b   70.990
_cell.length_c   163.030
_cell.angle_alpha   90.00
_cell.angle_beta   90.00
_cell.angle_gamma   90.00
#
_symmetry.space_group_name_H-M   'P 21 21 21'
#
loop_
_entity.id
_entity.type
_entity.pdbx_description
1 polymer 'Fish-egg lectin'
2 branched 2-acetamido-2-deoxy-beta-D-glucopyranose-(1-4)-2-acetamido-2-deoxy-beta-D-glucopyranose
3 non-polymer 'CALCIUM ION'
4 non-polymer 'ISOPROPYL ALCOHOL'
5 non-polymer GLYCEROL
6 water water
#
_entity_poly.entity_id   1
_entity_poly.type   'polypeptide(L)'
_entity_poly.pdbx_seq_one_letter_code
;LDCTVIDGNLKQIDAGSGSVVGVNNLNETFVLIDNVFTKISGSLKHFSVGPAGQLGVNTANNIFKYQSGGFVQLAGLLKQ
VDAGGDQIIAGVNMYDDIYCLNMDANNKWPSSNTPWVQLNGKLKYYSCGPYSCWGVNSNDQIFIMKDVSSNVCSGSGSFI
NIPGLLSMIEVATDGSVFGVNSQGNLYQRTGVTRSKPDGTDWISMVACPNGHKHVSFDLGVLWLVCVDGSIRKCILTD
;
_entity_poly.pdbx_strand_id   A,B
#
loop_
_chem_comp.id
_chem_comp.type
_chem_comp.name
_chem_comp.formula
CA non-polymer 'CALCIUM ION' 'Ca 2'
GOL non-polymer GLYCEROL 'C3 H8 O3'
IPA non-polymer 'ISOPROPYL ALCOHOL' 'C3 H8 O'
NAG D-saccharide, beta linking 2-acetamido-2-deoxy-beta-D-glucopyranose 'C8 H15 N O6'
#
# COMPACT_ATOMS: atom_id res chain seq x y z
N LEU A 1 22.34 8.55 -17.11
CA LEU A 1 21.90 8.83 -15.71
C LEU A 1 22.97 8.45 -14.70
N ASP A 2 22.95 9.13 -13.56
CA ASP A 2 23.79 8.77 -12.42
C ASP A 2 23.08 7.76 -11.54
N CYS A 3 23.57 6.53 -11.62
CA CYS A 3 22.96 5.40 -10.95
C CYS A 3 23.99 4.66 -10.14
N THR A 4 23.54 4.04 -9.06
CA THR A 4 24.41 3.19 -8.26
C THR A 4 24.05 1.73 -8.49
N VAL A 5 25.04 0.85 -8.37
CA VAL A 5 24.78 -0.57 -8.38
C VAL A 5 24.30 -1.00 -6.98
N ILE A 6 23.39 -1.97 -6.96
CA ILE A 6 22.97 -2.59 -5.71
C ILE A 6 23.02 -4.09 -5.90
N ASP A 7 23.54 -4.80 -4.89
CA ASP A 7 23.72 -6.25 -4.96
C ASP A 7 22.43 -6.97 -5.29
N GLY A 8 22.57 -8.04 -6.05
CA GLY A 8 21.44 -8.90 -6.39
C GLY A 8 21.39 -9.21 -7.86
N ASN A 9 20.50 -10.14 -8.22
CA ASN A 9 20.25 -10.46 -9.60
C ASN A 9 18.78 -10.82 -9.76
N LEU A 10 18.13 -10.17 -10.72
CA LEU A 10 16.69 -10.32 -10.92
C LEU A 10 16.37 -10.43 -12.39
N LYS A 11 15.14 -10.86 -12.70
CA LYS A 11 14.61 -10.74 -14.06
C LYS A 11 13.51 -9.67 -14.14
N GLN A 12 12.97 -9.28 -12.98
CA GLN A 12 11.84 -8.36 -12.91
C GLN A 12 11.90 -7.63 -11.58
N ILE A 13 11.50 -6.35 -11.60
CA ILE A 13 11.52 -5.49 -10.42
C ILE A 13 10.29 -4.60 -10.47
N ASP A 14 9.72 -4.30 -9.30
CA ASP A 14 8.62 -3.34 -9.22
C ASP A 14 8.76 -2.50 -7.95
N ALA A 15 8.48 -1.21 -8.08
CA ALA A 15 8.54 -0.30 -6.94
C ALA A 15 7.21 0.43 -6.80
N GLY A 16 6.79 0.65 -5.56
CA GLY A 16 5.53 1.32 -5.29
C GLY A 16 5.26 1.38 -3.81
N SER A 17 4.62 2.46 -3.37
CA SER A 17 4.25 2.65 -1.97
C SER A 17 5.43 2.66 -1.01
N GLY A 18 6.61 3.02 -1.53
CA GLY A 18 7.83 3.00 -0.73
C GLY A 18 8.54 1.67 -0.70
N SER A 19 7.92 0.64 -1.29
CA SER A 19 8.51 -0.70 -1.35
C SER A 19 9.18 -0.97 -2.69
N VAL A 20 10.07 -1.95 -2.71
CA VAL A 20 10.71 -2.42 -3.94
C VAL A 20 10.80 -3.94 -3.84
N VAL A 21 10.26 -4.62 -4.84
CA VAL A 21 10.23 -6.09 -4.85
C VAL A 21 10.65 -6.61 -6.22
N GLY A 22 10.92 -7.91 -6.30
CA GLY A 22 11.25 -8.49 -7.59
C GLY A 22 11.44 -9.99 -7.49
N VAL A 23 11.72 -10.59 -8.64
CA VAL A 23 11.99 -12.04 -8.70
C VAL A 23 13.21 -12.28 -9.56
N ASN A 24 13.93 -13.38 -9.28
CA ASN A 24 15.04 -13.77 -10.14
C ASN A 24 14.62 -14.86 -11.14
N ASN A 25 15.57 -15.33 -11.95
CA ASN A 25 15.24 -16.33 -12.97
C ASN A 25 14.84 -17.69 -12.38
N LEU A 26 15.21 -17.92 -11.13
CA LEU A 26 14.78 -19.12 -10.41
C LEU A 26 13.37 -18.97 -9.83
N ASN A 27 12.79 -17.78 -10.03
CA ASN A 27 11.48 -17.42 -9.46
C ASN A 27 11.46 -17.30 -7.96
N GLU A 28 12.64 -17.08 -7.39
CA GLU A 28 12.74 -16.71 -6.00
C GLU A 28 12.30 -15.26 -5.86
N THR A 29 11.71 -14.95 -4.71
CA THR A 29 10.99 -13.72 -4.47
C THR A 29 11.77 -12.86 -3.47
N PHE A 30 11.92 -11.57 -3.80
CA PHE A 30 12.75 -10.64 -3.01
C PHE A 30 12.02 -9.36 -2.65
N VAL A 31 12.35 -8.85 -1.47
CA VAL A 31 11.86 -7.56 -0.98
C VAL A 31 13.06 -6.76 -0.51
N LEU A 32 13.07 -5.46 -0.81
CA LEU A 32 14.17 -4.60 -0.40
C LEU A 32 14.01 -4.18 1.05
N ILE A 33 14.85 -4.75 1.91
CA ILE A 33 14.79 -4.49 3.35
C ILE A 33 16.11 -3.92 3.79
N ASP A 34 16.10 -2.69 4.28
CA ASP A 34 17.32 -2.02 4.75
C ASP A 34 18.44 -2.13 3.71
N ASN A 35 18.07 -1.78 2.48
CA ASN A 35 19.00 -1.70 1.35
C ASN A 35 19.58 -3.02 0.88
N VAL A 36 18.93 -4.12 1.26
CA VAL A 36 19.33 -5.47 0.83
C VAL A 36 18.12 -6.16 0.23
N PHE A 37 18.25 -6.64 -1.01
CA PHE A 37 17.22 -7.49 -1.61
C PHE A 37 17.21 -8.83 -0.87
N THR A 38 16.13 -9.05 -0.14
CA THR A 38 16.04 -10.13 0.83
C THR A 38 15.06 -11.17 0.33
N LYS A 39 15.50 -12.42 0.26
CA LYS A 39 14.64 -13.49 -0.20
C LYS A 39 13.57 -13.81 0.85
N ILE A 40 12.32 -13.88 0.40
CA ILE A 40 11.21 -14.36 1.24
C ILE A 40 10.66 -15.64 0.61
N SER A 41 9.83 -16.38 1.34
CA SER A 41 9.23 -17.59 0.80
C SER A 41 8.37 -17.28 -0.43
N GLY A 42 8.41 -18.18 -1.40
CA GLY A 42 7.53 -18.04 -2.56
C GLY A 42 8.21 -18.32 -3.87
N SER A 43 7.42 -18.82 -4.83
CA SER A 43 7.85 -18.99 -6.20
C SER A 43 6.93 -18.17 -7.08
N LEU A 44 7.48 -17.09 -7.64
CA LEU A 44 6.72 -16.19 -8.50
C LEU A 44 7.55 -15.79 -9.71
N LYS A 45 6.90 -15.65 -10.85
CA LYS A 45 7.57 -15.18 -12.07
C LYS A 45 7.42 -13.67 -12.27
N HIS A 46 6.55 -13.05 -11.48
CA HIS A 46 6.31 -11.61 -11.51
C HIS A 46 5.77 -11.22 -10.15
N PHE A 47 6.35 -10.18 -9.55
CA PHE A 47 5.97 -9.74 -8.21
C PHE A 47 5.88 -8.21 -8.22
N SER A 48 4.71 -7.71 -7.82
CA SER A 48 4.38 -6.30 -7.89
C SER A 48 4.03 -5.75 -6.49
N VAL A 49 4.35 -4.49 -6.27
CA VAL A 49 3.98 -3.82 -5.02
C VAL A 49 3.51 -2.40 -5.32
N GLY A 50 2.47 -1.96 -4.62
CA GLY A 50 1.95 -0.62 -4.78
C GLY A 50 0.76 -0.46 -3.85
N PRO A 51 -0.06 0.58 -4.07
CA PRO A 51 -1.17 0.88 -3.16
C PRO A 51 -2.22 -0.25 -3.04
N ALA A 52 -2.22 -1.16 -4.00
CA ALA A 52 -3.16 -2.28 -3.97
C ALA A 52 -2.64 -3.54 -3.25
N GLY A 53 -1.39 -3.48 -2.78
CA GLY A 53 -0.79 -4.58 -2.02
C GLY A 53 0.45 -5.15 -2.66
N GLN A 54 0.79 -6.37 -2.25
CA GLN A 54 1.89 -7.15 -2.81
C GLN A 54 1.30 -8.33 -3.55
N LEU A 55 1.37 -8.28 -4.88
CA LEU A 55 0.69 -9.24 -5.74
C LEU A 55 1.66 -9.90 -6.69
N GLY A 56 1.51 -11.20 -6.88
CA GLY A 56 2.38 -11.90 -7.83
C GLY A 56 1.67 -13.03 -8.54
N VAL A 57 2.31 -13.56 -9.57
CA VAL A 57 1.84 -14.74 -10.27
C VAL A 57 2.96 -15.75 -10.38
N ASN A 58 2.61 -17.04 -10.37
CA ASN A 58 3.62 -18.09 -10.53
C ASN A 58 3.63 -18.69 -11.94
N THR A 59 4.45 -19.72 -12.13
CA THR A 59 4.63 -20.35 -13.42
C THR A 59 3.31 -20.91 -13.98
N ALA A 60 2.46 -21.39 -13.09
CA ALA A 60 1.14 -21.93 -13.45
C ALA A 60 0.08 -20.83 -13.71
N ASN A 61 0.50 -19.56 -13.60
CA ASN A 61 -0.39 -18.40 -13.77
C ASN A 61 -1.40 -18.23 -12.65
N ASN A 62 -1.17 -18.91 -11.53
CA ASN A 62 -1.95 -18.64 -10.33
C ASN A 62 -1.52 -17.34 -9.68
N ILE A 63 -2.48 -16.70 -9.00
CA ILE A 63 -2.33 -15.35 -8.47
C ILE A 63 -2.20 -15.41 -6.95
N PHE A 64 -1.24 -14.67 -6.42
CA PHE A 64 -0.96 -14.66 -4.99
C PHE A 64 -0.86 -13.24 -4.44
N LYS A 65 -1.33 -13.07 -3.22
CA LYS A 65 -1.31 -11.81 -2.52
C LYS A 65 -0.69 -12.05 -1.15
N TYR A 66 0.28 -11.22 -0.78
CA TYR A 66 0.86 -11.34 0.56
C TYR A 66 -0.13 -10.75 1.56
N GLN A 67 -0.54 -11.56 2.53
CA GLN A 67 -1.50 -11.11 3.56
C GLN A 67 -1.22 -11.80 4.86
N SER A 68 -1.16 -11.03 5.95
CA SER A 68 -1.18 -11.60 7.31
C SER A 68 -0.05 -12.60 7.54
N GLY A 69 1.11 -12.31 6.94
CA GLY A 69 2.33 -13.09 7.21
C GLY A 69 2.84 -13.99 6.10
N GLY A 70 2.10 -14.11 5.01
CA GLY A 70 2.52 -14.99 3.90
C GLY A 70 1.63 -14.85 2.70
N PHE A 71 2.00 -15.50 1.61
CA PHE A 71 1.19 -15.48 0.39
C PHE A 71 -0.07 -16.32 0.53
N VAL A 72 -1.18 -15.75 0.04
CA VAL A 72 -2.43 -16.48 -0.10
C VAL A 72 -2.85 -16.48 -1.57
N GLN A 73 -3.44 -17.58 -2.02
CA GLN A 73 -3.86 -17.69 -3.40
C GLN A 73 -5.20 -17.02 -3.61
N LEU A 74 -5.26 -16.14 -4.61
CA LEU A 74 -6.53 -15.55 -5.05
C LEU A 74 -7.10 -16.44 -6.14
N ALA A 75 -8.35 -16.19 -6.53
CA ALA A 75 -8.95 -16.93 -7.64
C ALA A 75 -8.62 -16.23 -8.96
N GLY A 76 -8.35 -17.03 -9.99
CA GLY A 76 -8.09 -16.52 -11.33
C GLY A 76 -6.75 -16.94 -11.91
N LEU A 77 -6.54 -16.63 -13.18
CA LEU A 77 -5.27 -16.90 -13.84
C LEU A 77 -4.77 -15.65 -14.56
N LEU A 78 -3.54 -15.25 -14.26
CA LEU A 78 -2.86 -14.15 -14.94
C LEU A 78 -1.39 -14.50 -15.14
N LYS A 79 -0.81 -14.04 -16.25
CA LYS A 79 0.64 -14.19 -16.48
C LYS A 79 1.45 -12.98 -15.98
N GLN A 80 0.76 -11.89 -15.68
CA GLN A 80 1.39 -10.67 -15.17
C GLN A 80 0.31 -9.91 -14.41
N VAL A 81 0.71 -9.29 -13.29
CA VAL A 81 -0.22 -8.59 -12.41
C VAL A 81 0.46 -7.34 -11.86
N ASP A 82 -0.31 -6.28 -11.63
CA ASP A 82 0.22 -5.02 -11.11
C ASP A 82 -0.65 -4.48 -10.00
N ALA A 83 0.02 -3.92 -8.99
CA ALA A 83 -0.63 -3.40 -7.79
C ALA A 83 -0.46 -1.89 -7.62
N GLY A 84 -0.11 -1.19 -8.70
CA GLY A 84 0.16 0.24 -8.65
C GLY A 84 -1.06 1.14 -8.70
N GLY A 85 -2.21 0.58 -9.07
CA GLY A 85 -3.45 1.35 -9.12
C GLY A 85 -3.98 1.71 -7.76
N ASP A 86 -5.09 2.45 -7.73
CA ASP A 86 -5.62 2.99 -6.49
C ASP A 86 -6.45 1.92 -5.79
N GLN A 87 -5.74 0.97 -5.21
CA GLN A 87 -6.30 -0.19 -4.50
C GLN A 87 -6.99 -1.19 -5.42
N ILE A 88 -6.80 -1.02 -6.73
CA ILE A 88 -7.28 -1.98 -7.73
C ILE A 88 -6.16 -2.92 -8.14
N ILE A 89 -6.52 -4.11 -8.59
CA ILE A 89 -5.56 -5.04 -9.17
C ILE A 89 -5.79 -5.03 -10.68
N ALA A 90 -4.72 -5.13 -11.45
CA ALA A 90 -4.84 -5.24 -12.91
C ALA A 90 -3.84 -6.25 -13.44
N GLY A 91 -4.16 -6.86 -14.58
CA GLY A 91 -3.23 -7.77 -15.19
C GLY A 91 -3.74 -8.34 -16.48
N VAL A 92 -2.95 -9.26 -17.05
CA VAL A 92 -3.29 -9.93 -18.29
C VAL A 92 -3.07 -11.44 -18.14
N ASN A 93 -3.83 -12.22 -18.91
CA ASN A 93 -3.68 -13.67 -18.85
C ASN A 93 -2.91 -14.24 -20.05
N MET A 94 -2.84 -15.56 -20.14
CA MET A 94 -2.05 -16.23 -21.19
C MET A 94 -2.54 -15.96 -22.61
N TYR A 95 -3.77 -15.49 -22.74
CA TYR A 95 -4.35 -15.19 -24.05
C TYR A 95 -4.31 -13.68 -24.36
N ASP A 96 -3.59 -12.95 -23.51
CA ASP A 96 -3.53 -11.48 -23.58
C ASP A 96 -4.87 -10.80 -23.31
N ASP A 97 -5.78 -11.50 -22.66
CA ASP A 97 -7.01 -10.87 -22.18
C ASP A 97 -6.68 -10.08 -20.92
N ILE A 98 -7.44 -9.01 -20.71
CA ILE A 98 -7.10 -7.96 -19.74
C ILE A 98 -8.16 -7.91 -18.65
N TYR A 99 -7.72 -7.88 -17.39
CA TYR A 99 -8.63 -7.93 -16.25
C TYR A 99 -8.27 -6.92 -15.17
N CYS A 100 -9.27 -6.44 -14.46
CA CYS A 100 -9.03 -5.66 -13.26
C CYS A 100 -9.99 -6.05 -12.15
N LEU A 101 -9.57 -5.77 -10.92
CA LEU A 101 -10.38 -6.01 -9.74
C LEU A 101 -10.55 -4.69 -8.99
N ASN A 102 -11.80 -4.36 -8.69
CA ASN A 102 -12.11 -3.12 -7.99
C ASN A 102 -11.69 -3.14 -6.53
N MET A 103 -11.49 -1.95 -5.97
CA MET A 103 -10.97 -1.77 -4.62
C MET A 103 -11.77 -2.52 -3.57
N ASP A 104 -13.08 -2.38 -3.58
CA ASP A 104 -13.89 -3.00 -2.52
C ASP A 104 -13.78 -4.52 -2.55
N ALA A 105 -13.65 -5.09 -3.73
CA ALA A 105 -13.41 -6.54 -3.88
C ALA A 105 -12.00 -6.93 -3.43
N ASN A 106 -11.01 -6.13 -3.79
CA ASN A 106 -9.62 -6.38 -3.38
C ASN A 106 -9.50 -6.48 -1.86
N ASN A 107 -10.22 -5.61 -1.17
CA ASN A 107 -10.12 -5.48 0.28
C ASN A 107 -11.01 -6.42 1.09
N LYS A 108 -11.83 -7.22 0.40
CA LYS A 108 -12.72 -8.16 1.06
C LYS A 108 -12.06 -9.53 1.20
N TRP A 109 -11.85 -9.96 2.46
CA TRP A 109 -11.29 -11.28 2.73
C TRP A 109 -11.78 -11.79 4.08
N PRO A 110 -12.24 -13.06 4.13
CA PRO A 110 -12.37 -14.03 3.03
C PRO A 110 -13.42 -13.58 2.01
N SER A 111 -13.35 -14.13 0.81
CA SER A 111 -14.30 -13.78 -0.24
C SER A 111 -14.97 -15.01 -0.84
N SER A 112 -16.26 -14.87 -1.13
CA SER A 112 -17.06 -15.95 -1.70
C SER A 112 -17.02 -15.91 -3.24
N ASN A 113 -16.51 -14.80 -3.77
CA ASN A 113 -16.32 -14.62 -5.21
C ASN A 113 -15.16 -13.65 -5.46
N THR A 114 -14.52 -13.78 -6.61
CA THR A 114 -13.51 -12.81 -7.04
C THR A 114 -14.01 -12.18 -8.33
N PRO A 115 -14.60 -10.99 -8.22
CA PRO A 115 -15.31 -10.39 -9.34
C PRO A 115 -14.41 -9.64 -10.33
N TRP A 116 -13.56 -10.40 -11.04
CA TRP A 116 -12.75 -9.82 -12.10
C TRP A 116 -13.62 -9.17 -13.17
N VAL A 117 -13.15 -8.04 -13.68
CA VAL A 117 -13.77 -7.32 -14.79
C VAL A 117 -12.86 -7.49 -16.00
N GLN A 118 -13.40 -7.98 -17.11
CA GLN A 118 -12.63 -8.06 -18.34
C GLN A 118 -12.73 -6.76 -19.12
N LEU A 119 -11.58 -6.25 -19.56
CA LEU A 119 -11.53 -5.04 -20.37
C LEU A 119 -11.55 -5.39 -21.85
N ASN A 120 -11.95 -4.44 -22.68
CA ASN A 120 -12.06 -4.66 -24.12
C ASN A 120 -10.71 -4.45 -24.80
N GLY A 121 -10.03 -5.55 -25.12
CA GLY A 121 -8.78 -5.48 -25.84
C GLY A 121 -7.83 -6.63 -25.57
N LYS A 122 -6.61 -6.49 -26.09
CA LYS A 122 -5.55 -7.47 -25.93
C LYS A 122 -4.26 -6.77 -25.53
N LEU A 123 -3.65 -7.21 -24.44
CA LEU A 123 -2.35 -6.69 -24.00
C LEU A 123 -1.50 -7.81 -23.41
N LYS A 124 -0.18 -7.68 -23.52
CA LYS A 124 0.73 -8.66 -22.93
C LYS A 124 1.33 -8.17 -21.60
N TYR A 125 1.11 -6.90 -21.27
CA TYR A 125 1.66 -6.27 -20.07
C TYR A 125 0.79 -5.07 -19.74
N TYR A 126 0.42 -4.92 -18.47
CA TYR A 126 -0.52 -3.88 -18.06
C TYR A 126 -0.19 -3.42 -16.65
N SER A 127 -0.12 -2.10 -16.46
CA SER A 127 0.31 -1.48 -15.21
C SER A 127 -0.58 -0.28 -14.92
N CYS A 128 -0.91 -0.08 -13.64
CA CYS A 128 -1.80 1.01 -13.26
C CYS A 128 -1.15 2.03 -12.34
N GLY A 129 -1.65 3.26 -12.45
CA GLY A 129 -1.26 4.37 -11.57
C GLY A 129 -2.48 5.04 -10.96
N PRO A 130 -2.30 6.29 -10.49
CA PRO A 130 -3.34 6.99 -9.75
C PRO A 130 -4.66 7.25 -10.50
N TYR A 131 -4.61 7.45 -11.82
CA TYR A 131 -5.83 7.84 -12.57
C TYR A 131 -5.91 7.20 -13.95
N SER A 132 -4.99 6.28 -14.25
CA SER A 132 -4.93 5.63 -15.55
C SER A 132 -4.14 4.34 -15.46
N CYS A 133 -4.24 3.51 -16.49
CA CYS A 133 -3.37 2.35 -16.65
C CYS A 133 -2.77 2.38 -18.06
N TRP A 134 -1.55 1.85 -18.18
CA TRP A 134 -0.88 1.77 -19.46
C TRP A 134 -0.49 0.33 -19.73
N GLY A 135 -0.50 -0.07 -21.00
CA GLY A 135 -0.06 -1.41 -21.36
C GLY A 135 0.50 -1.47 -22.76
N VAL A 136 1.07 -2.62 -23.10
CA VAL A 136 1.55 -2.88 -24.45
C VAL A 136 0.98 -4.20 -24.95
N ASN A 137 0.74 -4.29 -26.26
CA ASN A 137 0.28 -5.55 -26.86
C ASN A 137 1.43 -6.37 -27.42
N SER A 138 1.11 -7.52 -28.01
CA SER A 138 2.12 -8.45 -28.52
C SER A 138 2.97 -7.87 -29.66
N ASN A 139 2.47 -6.80 -30.28
CA ASN A 139 3.24 -6.08 -31.31
C ASN A 139 3.97 -4.87 -30.76
N ASP A 140 4.02 -4.78 -29.42
CA ASP A 140 4.71 -3.71 -28.69
C ASP A 140 4.06 -2.34 -28.85
N GLN A 141 2.82 -2.32 -29.32
CA GLN A 141 2.07 -1.08 -29.42
C GLN A 141 1.56 -0.68 -28.03
N ILE A 142 1.52 0.63 -27.79
CA ILE A 142 1.30 1.20 -26.45
C ILE A 142 -0.10 1.76 -26.33
N PHE A 143 -0.74 1.51 -25.19
CA PHE A 143 -2.10 1.94 -24.94
C PHE A 143 -2.31 2.51 -23.54
N ILE A 144 -3.18 3.51 -23.45
CA ILE A 144 -3.60 4.06 -22.17
C ILE A 144 -5.10 3.86 -21.97
N MET A 145 -5.49 3.47 -20.76
CA MET A 145 -6.87 3.53 -20.33
C MET A 145 -7.02 4.72 -19.38
N LYS A 146 -7.80 5.71 -19.81
CA LYS A 146 -8.03 6.91 -19.01
C LYS A 146 -9.21 6.73 -18.04
N ASP A 147 -9.32 7.65 -17.10
CA ASP A 147 -10.44 7.75 -16.17
C ASP A 147 -10.61 6.51 -15.29
N VAL A 148 -9.49 5.88 -14.94
CA VAL A 148 -9.49 4.74 -14.03
C VAL A 148 -9.67 5.24 -12.60
N SER A 149 -10.59 4.61 -11.86
CA SER A 149 -10.81 4.94 -10.45
C SER A 149 -10.97 3.68 -9.62
N SER A 150 -10.92 3.85 -8.30
CA SER A 150 -10.85 2.71 -7.38
C SER A 150 -11.98 1.69 -7.52
N ASN A 151 -13.19 2.16 -7.82
CA ASN A 151 -14.31 1.25 -8.03
C ASN A 151 -14.88 1.29 -9.45
N VAL A 152 -14.12 1.90 -10.36
CA VAL A 152 -14.32 1.75 -11.80
C VAL A 152 -12.95 1.44 -12.41
N CYS A 153 -12.45 0.25 -12.12
CA CYS A 153 -11.08 -0.12 -12.50
C CYS A 153 -10.89 -0.18 -14.00
N SER A 154 -11.98 -0.38 -14.73
CA SER A 154 -11.96 -0.46 -16.19
C SER A 154 -11.95 0.92 -16.87
N GLY A 155 -12.07 1.99 -16.08
CA GLY A 155 -11.96 3.36 -16.58
C GLY A 155 -13.03 3.73 -17.59
N SER A 156 -12.63 4.45 -18.63
CA SER A 156 -13.54 4.87 -19.70
C SER A 156 -14.04 3.66 -20.49
N GLY A 157 -13.28 2.58 -20.46
CA GLY A 157 -13.63 1.35 -21.16
C GLY A 157 -13.03 1.25 -22.55
N SER A 158 -12.42 2.33 -23.04
CA SER A 158 -11.85 2.37 -24.38
C SER A 158 -10.38 2.77 -24.40
N PHE A 159 -9.52 1.83 -24.78
CA PHE A 159 -8.08 2.07 -24.89
C PHE A 159 -7.75 3.06 -25.99
N ILE A 160 -6.77 3.91 -25.73
CA ILE A 160 -6.26 4.86 -26.71
C ILE A 160 -4.80 4.53 -27.01
N ASN A 161 -4.48 4.40 -28.29
CA ASN A 161 -3.12 4.15 -28.73
C ASN A 161 -2.23 5.38 -28.56
N ILE A 162 -1.04 5.17 -28.01
CA ILE A 162 -0.03 6.21 -27.88
C ILE A 162 1.14 5.81 -28.78
N PRO A 163 1.50 6.67 -29.76
CA PRO A 163 2.55 6.28 -30.71
C PRO A 163 3.86 5.88 -30.03
N GLY A 164 4.49 4.84 -30.58
CA GLY A 164 5.76 4.33 -30.06
C GLY A 164 5.72 2.82 -29.92
N LEU A 165 6.85 2.24 -29.53
CA LEU A 165 6.94 0.79 -29.29
C LEU A 165 7.67 0.50 -27.99
N LEU A 166 7.06 -0.33 -27.15
CA LEU A 166 7.68 -0.76 -25.89
C LEU A 166 7.33 -2.22 -25.61
N SER A 167 8.20 -2.92 -24.89
CA SER A 167 7.99 -4.33 -24.54
C SER A 167 7.37 -4.50 -23.15
N MET A 168 7.64 -3.54 -22.27
CA MET A 168 6.95 -3.45 -20.99
C MET A 168 6.84 -1.98 -20.59
N ILE A 169 5.99 -1.70 -19.61
CA ILE A 169 5.67 -0.33 -19.22
C ILE A 169 5.14 -0.34 -17.78
N GLU A 170 5.58 0.64 -16.99
CA GLU A 170 5.13 0.76 -15.59
C GLU A 170 4.66 2.17 -15.30
N VAL A 171 3.62 2.28 -14.47
CA VAL A 171 3.05 3.56 -14.08
C VAL A 171 3.26 3.73 -12.58
N ALA A 172 3.85 4.85 -12.17
CA ALA A 172 4.21 5.11 -10.78
C ALA A 172 3.09 5.82 -10.02
N THR A 173 3.20 5.86 -8.70
CA THR A 173 2.16 6.45 -7.86
C THR A 173 2.03 7.97 -8.05
N ASP A 174 3.09 8.62 -8.51
CA ASP A 174 3.00 10.05 -8.87
C ASP A 174 2.56 10.26 -10.32
N GLY A 175 2.20 9.18 -11.00
CA GLY A 175 1.75 9.25 -12.38
C GLY A 175 2.82 9.05 -13.44
N SER A 176 4.08 8.97 -13.03
CA SER A 176 5.19 8.82 -13.98
C SER A 176 5.07 7.52 -14.77
N VAL A 177 5.54 7.54 -16.02
CA VAL A 177 5.45 6.41 -16.92
C VAL A 177 6.83 6.13 -17.52
N PHE A 178 7.31 4.90 -17.33
CA PHE A 178 8.60 4.46 -17.89
C PHE A 178 8.42 3.12 -18.57
N GLY A 179 9.22 2.85 -19.60
CA GLY A 179 9.19 1.55 -20.26
C GLY A 179 10.52 1.20 -20.91
N VAL A 180 10.63 -0.06 -21.32
CA VAL A 180 11.78 -0.57 -22.04
C VAL A 180 11.29 -1.18 -23.35
N ASN A 181 12.00 -0.93 -24.44
CA ASN A 181 11.64 -1.52 -25.73
C ASN A 181 12.38 -2.82 -26.01
N SER A 182 12.04 -3.48 -27.12
CA SER A 182 12.61 -4.79 -27.45
C SER A 182 14.13 -4.74 -27.67
N GLN A 183 14.64 -3.56 -28.02
CA GLN A 183 16.07 -3.35 -28.24
C GLN A 183 16.81 -3.07 -26.94
N GLY A 184 16.08 -2.99 -25.83
CA GLY A 184 16.70 -2.76 -24.53
C GLY A 184 16.92 -1.30 -24.18
N ASN A 185 16.27 -0.41 -24.92
CA ASN A 185 16.34 1.03 -24.63
C ASN A 185 15.26 1.46 -23.63
N LEU A 186 15.59 2.49 -22.85
CA LEU A 186 14.76 2.97 -21.76
C LEU A 186 14.14 4.33 -22.09
N TYR A 187 12.83 4.46 -21.82
CA TYR A 187 12.12 5.71 -22.10
C TYR A 187 11.23 6.16 -20.95
N GLN A 188 11.07 7.47 -20.85
CA GLN A 188 10.11 8.07 -19.93
C GLN A 188 9.11 8.89 -20.73
N ARG A 189 7.84 8.87 -20.31
CA ARG A 189 6.84 9.74 -20.90
C ARG A 189 6.87 11.10 -20.21
N THR A 190 7.01 12.15 -20.99
CA THR A 190 6.99 13.52 -20.47
C THR A 190 5.59 14.11 -20.55
N GLY A 191 5.34 15.15 -19.77
CA GLY A 191 4.09 15.92 -19.85
C GLY A 191 2.87 15.23 -19.30
N VAL A 192 3.06 14.18 -18.50
CA VAL A 192 1.94 13.42 -17.93
C VAL A 192 1.39 14.14 -16.70
N THR A 193 0.09 14.43 -16.73
CA THR A 193 -0.62 15.01 -15.59
C THR A 193 -2.03 14.44 -15.55
N ARG A 194 -2.77 14.72 -14.47
CA ARG A 194 -4.17 14.32 -14.39
C ARG A 194 -4.99 14.95 -15.53
N SER A 195 -4.63 16.17 -15.91
CA SER A 195 -5.31 16.88 -17.01
C SER A 195 -4.91 16.36 -18.40
N LYS A 196 -3.66 15.91 -18.53
CA LYS A 196 -3.18 15.29 -19.76
C LYS A 196 -2.54 13.93 -19.46
N PRO A 197 -3.38 12.91 -19.24
CA PRO A 197 -2.86 11.60 -18.80
C PRO A 197 -2.00 10.89 -19.85
N ASP A 198 -2.22 11.22 -21.12
CA ASP A 198 -1.47 10.63 -22.21
C ASP A 198 -0.04 11.20 -22.35
N GLY A 199 0.22 12.32 -21.70
CA GLY A 199 1.51 12.99 -21.84
C GLY A 199 1.75 13.52 -23.24
N THR A 200 3.01 13.81 -23.54
CA THR A 200 3.33 14.48 -24.81
C THR A 200 4.46 13.84 -25.62
N ASP A 201 5.51 13.37 -24.96
CA ASP A 201 6.70 12.87 -25.64
C ASP A 201 7.33 11.69 -24.90
N TRP A 202 8.14 10.92 -25.62
CA TRP A 202 9.02 9.93 -25.01
C TRP A 202 10.44 10.48 -25.00
N ILE A 203 11.09 10.45 -23.84
CA ILE A 203 12.51 10.80 -23.75
C ILE A 203 13.39 9.60 -23.41
N SER A 204 14.54 9.55 -24.06
CA SER A 204 15.52 8.49 -23.89
C SER A 204 16.38 8.72 -22.65
N MET A 205 16.70 7.63 -21.94
CA MET A 205 17.56 7.66 -20.76
C MET A 205 18.43 6.42 -20.74
N VAL A 206 19.59 6.52 -20.11
CA VAL A 206 20.51 5.38 -20.01
C VAL A 206 20.95 5.17 -18.55
N ALA A 207 20.62 3.98 -18.03
CA ALA A 207 20.99 3.59 -16.67
C ALA A 207 21.90 2.37 -16.67
N CYS A 208 21.75 1.54 -17.70
CA CYS A 208 22.49 0.30 -17.83
C CYS A 208 23.56 0.44 -18.91
N PRO A 209 24.71 -0.23 -18.75
CA PRO A 209 25.81 -0.10 -19.71
C PRO A 209 25.57 -0.81 -21.04
N ASN A 210 24.87 -1.94 -20.99
CA ASN A 210 24.72 -2.81 -22.16
C ASN A 210 23.29 -3.26 -22.41
N GLY A 211 22.33 -2.40 -22.09
CA GLY A 211 20.93 -2.69 -22.36
C GLY A 211 20.10 -2.86 -21.09
N HIS A 212 18.84 -2.42 -21.18
CA HIS A 212 17.91 -2.49 -20.06
C HIS A 212 16.94 -3.65 -20.27
N LYS A 213 16.55 -4.30 -19.18
CA LYS A 213 15.64 -5.43 -19.25
C LYS A 213 14.26 -5.08 -18.66
N HIS A 214 14.25 -4.42 -17.51
CA HIS A 214 13.02 -4.11 -16.80
C HIS A 214 13.19 -2.82 -16.03
N VAL A 215 12.09 -2.10 -15.85
CA VAL A 215 12.13 -0.81 -15.16
C VAL A 215 10.90 -0.63 -14.28
N SER A 216 11.09 0.05 -13.15
CA SER A 216 9.99 0.54 -12.33
C SER A 216 10.43 1.78 -11.58
N PHE A 217 9.48 2.65 -11.21
CA PHE A 217 9.77 3.93 -10.58
C PHE A 217 8.89 4.15 -9.35
N ASP A 218 9.48 4.69 -8.29
CA ASP A 218 8.71 5.08 -7.13
C ASP A 218 9.44 6.14 -6.32
N LEU A 219 8.72 7.21 -6.00
CA LEU A 219 9.19 8.22 -5.05
C LEU A 219 10.60 8.75 -5.39
N GLY A 220 10.77 9.14 -6.64
CA GLY A 220 11.99 9.80 -7.06
C GLY A 220 13.14 8.87 -7.37
N VAL A 221 12.89 7.56 -7.34
CA VAL A 221 13.94 6.57 -7.61
C VAL A 221 13.51 5.64 -8.73
N LEU A 222 14.34 5.60 -9.78
CA LEU A 222 14.17 4.72 -10.91
C LEU A 222 14.98 3.45 -10.70
N TRP A 223 14.33 2.30 -10.82
CA TRP A 223 14.94 1.01 -10.59
C TRP A 223 15.06 0.26 -11.90
N LEU A 224 16.26 -0.24 -12.18
CA LEU A 224 16.50 -1.00 -13.41
C LEU A 224 17.02 -2.39 -13.13
N VAL A 225 16.52 -3.34 -13.92
CA VAL A 225 17.21 -4.60 -14.12
C VAL A 225 17.88 -4.49 -15.48
N CYS A 226 19.19 -4.64 -15.51
CA CYS A 226 19.94 -4.63 -16.75
C CYS A 226 19.90 -6.01 -17.41
N VAL A 227 20.37 -6.09 -18.65
CA VAL A 227 20.28 -7.35 -19.42
C VAL A 227 20.95 -8.52 -18.72
N ASP A 228 22.02 -8.26 -17.95
CA ASP A 228 22.72 -9.32 -17.21
C ASP A 228 22.05 -9.68 -15.87
N GLY A 229 20.91 -9.06 -15.61
CA GLY A 229 20.16 -9.31 -14.36
C GLY A 229 20.61 -8.47 -13.19
N SER A 230 21.70 -7.70 -13.35
CA SER A 230 22.15 -6.81 -12.29
C SER A 230 21.21 -5.62 -12.13
N ILE A 231 21.33 -4.93 -11.00
CA ILE A 231 20.36 -3.91 -10.61
C ILE A 231 21.01 -2.53 -10.52
N ARG A 232 20.30 -1.51 -11.00
CA ARG A 232 20.70 -0.12 -10.81
C ARG A 232 19.62 0.67 -10.09
N LYS A 233 20.06 1.54 -9.19
CA LYS A 233 19.21 2.46 -8.46
C LYS A 233 19.57 3.87 -8.91
N CYS A 234 18.60 4.59 -9.50
CA CYS A 234 18.87 5.92 -10.02
C CYS A 234 18.00 6.94 -9.32
N ILE A 235 18.61 7.73 -8.44
CA ILE A 235 17.91 8.79 -7.73
C ILE A 235 17.81 10.00 -8.67
N LEU A 236 16.60 10.27 -9.15
CA LEU A 236 16.36 11.36 -10.09
C LEU A 236 16.03 12.66 -9.37
N LEU B 1 -13.90 -14.67 18.76
CA LEU B 1 -12.59 -14.57 18.06
C LEU B 1 -11.82 -15.87 18.21
N ASP B 2 -11.34 -16.39 17.07
CA ASP B 2 -10.56 -17.62 17.01
C ASP B 2 -9.10 -17.21 16.83
N CYS B 3 -8.30 -17.34 17.89
CA CYS B 3 -6.95 -16.77 17.91
C CYS B 3 -5.82 -17.77 18.09
N THR B 4 -4.65 -17.41 17.55
CA THR B 4 -3.39 -18.03 17.90
C THR B 4 -2.50 -16.97 18.56
N VAL B 5 -1.48 -17.43 19.27
CA VAL B 5 -0.47 -16.53 19.82
C VAL B 5 0.72 -16.52 18.86
N ILE B 6 1.16 -15.33 18.48
CA ILE B 6 2.35 -15.19 17.65
C ILE B 6 3.49 -14.76 18.57
N ASP B 7 4.63 -15.45 18.47
CA ASP B 7 5.77 -15.13 19.32
C ASP B 7 6.17 -13.66 19.22
N GLY B 8 6.45 -13.07 20.37
CA GLY B 8 7.01 -11.73 20.43
C GLY B 8 6.33 -10.84 21.43
N ASN B 9 6.81 -9.61 21.53
CA ASN B 9 6.22 -8.64 22.42
C ASN B 9 6.21 -7.30 21.71
N LEU B 10 5.06 -6.64 21.73
CA LEU B 10 4.91 -5.33 21.09
C LEU B 10 4.18 -4.40 22.04
N LYS B 11 4.26 -3.10 21.79
CA LYS B 11 3.35 -2.16 22.43
C LYS B 11 2.29 -1.64 21.46
N GLN B 12 2.54 -1.78 20.16
CA GLN B 12 1.66 -1.24 19.14
C GLN B 12 1.80 -2.11 17.88
N ILE B 13 0.69 -2.29 17.17
CA ILE B 13 0.62 -3.11 15.97
C ILE B 13 -0.32 -2.43 14.97
N ASP B 14 -0.01 -2.55 13.68
CA ASP B 14 -0.92 -2.07 12.66
C ASP B 14 -0.88 -3.02 11.47
N ALA B 15 -2.05 -3.25 10.88
CA ALA B 15 -2.17 -4.14 9.74
C ALA B 15 -2.92 -3.41 8.62
N GLY B 16 -2.49 -3.61 7.39
CA GLY B 16 -3.08 -2.92 6.25
C GLY B 16 -2.35 -3.33 5.00
N SER B 17 -3.09 -3.42 3.89
CA SER B 17 -2.52 -3.73 2.57
C SER B 17 -1.83 -5.09 2.54
N GLY B 18 -2.26 -5.99 3.43
CA GLY B 18 -1.65 -7.32 3.52
C GLY B 18 -0.40 -7.38 4.38
N SER B 19 0.06 -6.23 4.87
CA SER B 19 1.23 -6.16 5.74
C SER B 19 0.82 -6.08 7.21
N VAL B 20 1.75 -6.44 8.09
CA VAL B 20 1.56 -6.30 9.53
C VAL B 20 2.88 -5.79 10.11
N VAL B 21 2.82 -4.67 10.83
CA VAL B 21 3.99 -4.03 11.40
C VAL B 21 3.72 -3.63 12.85
N GLY B 22 4.78 -3.29 13.58
CA GLY B 22 4.60 -2.79 14.92
C GLY B 22 5.90 -2.41 15.56
N VAL B 23 5.81 -1.94 16.80
CA VAL B 23 6.99 -1.57 17.57
C VAL B 23 6.88 -2.17 18.97
N ASN B 24 8.02 -2.45 19.58
CA ASN B 24 8.04 -2.95 20.95
C ASN B 24 8.29 -1.84 21.99
N ASN B 25 8.36 -2.21 23.26
CA ASN B 25 8.57 -1.24 24.35
C ASN B 25 9.87 -0.46 24.21
N LEU B 26 10.81 -1.03 23.47
CA LEU B 26 12.13 -0.41 23.28
C LEU B 26 12.18 0.43 22.02
N ASN B 27 11.06 0.50 21.31
CA ASN B 27 10.95 1.22 20.03
C ASN B 27 11.74 0.58 18.90
N GLU B 28 12.05 -0.70 19.06
CA GLU B 28 12.49 -1.52 17.95
C GLU B 28 11.28 -1.74 17.03
N THR B 29 11.57 -1.79 15.74
CA THR B 29 10.58 -1.76 14.68
C THR B 29 10.52 -3.11 13.96
N PHE B 30 9.31 -3.63 13.75
CA PHE B 30 9.11 -4.98 13.21
C PHE B 30 8.16 -5.05 12.03
N VAL B 31 8.42 -5.99 11.14
CA VAL B 31 7.54 -6.32 10.02
C VAL B 31 7.32 -7.82 10.05
N LEU B 32 6.10 -8.27 9.79
CA LEU B 32 5.79 -9.69 9.77
C LEU B 32 6.22 -10.31 8.44
N ILE B 33 7.29 -11.11 8.49
CA ILE B 33 7.84 -11.72 7.28
C ILE B 33 7.77 -13.23 7.44
N ASP B 34 7.02 -13.90 6.57
CA ASP B 34 6.88 -15.36 6.63
C ASP B 34 6.53 -15.81 8.05
N ASN B 35 5.53 -15.14 8.60
CA ASN B 35 4.95 -15.48 9.91
C ASN B 35 5.86 -15.28 11.11
N VAL B 36 6.93 -14.51 10.92
CA VAL B 36 7.86 -14.16 11.99
C VAL B 36 8.01 -12.64 12.06
N PHE B 37 7.75 -12.04 13.22
CA PHE B 37 8.05 -10.61 13.40
C PHE B 37 9.55 -10.39 13.33
N THR B 38 9.96 -9.58 12.38
CA THR B 38 11.36 -9.43 11.99
C THR B 38 11.77 -7.97 12.21
N LYS B 39 12.85 -7.78 12.96
CA LYS B 39 13.33 -6.43 13.22
C LYS B 39 13.96 -5.82 11.98
N ILE B 40 13.56 -4.58 11.68
CA ILE B 40 14.20 -3.78 10.64
C ILE B 40 14.85 -2.57 11.34
N SER B 41 15.73 -1.87 10.64
CA SER B 41 16.37 -0.69 11.23
C SER B 41 15.35 0.39 11.58
N GLY B 42 15.55 1.04 12.72
CA GLY B 42 14.72 2.18 13.07
C GLY B 42 14.30 2.23 14.52
N SER B 43 14.20 3.43 15.05
CA SER B 43 13.64 3.64 16.37
C SER B 43 12.32 4.37 16.21
N LEU B 44 11.21 3.67 16.45
CA LEU B 44 9.88 4.24 16.27
C LEU B 44 8.98 3.87 17.44
N LYS B 45 8.15 4.81 17.87
CA LYS B 45 7.18 4.54 18.94
C LYS B 45 5.80 4.18 18.40
N HIS B 46 5.60 4.34 17.10
CA HIS B 46 4.36 3.97 16.42
C HIS B 46 4.69 3.74 14.96
N PHE B 47 4.26 2.62 14.40
CA PHE B 47 4.55 2.28 13.02
C PHE B 47 3.27 1.74 12.38
N SER B 48 2.90 2.35 11.24
CA SER B 48 1.65 2.07 10.56
C SER B 48 1.91 1.59 9.13
N VAL B 49 1.05 0.71 8.63
CA VAL B 49 1.10 0.30 7.24
C VAL B 49 -0.30 0.22 6.65
N GLY B 50 -0.43 0.65 5.39
CA GLY B 50 -1.70 0.60 4.69
C GLY B 50 -1.51 1.12 3.28
N PRO B 51 -2.61 1.45 2.59
CA PRO B 51 -2.53 1.88 1.19
C PRO B 51 -1.71 3.15 0.97
N ALA B 52 -1.50 3.94 2.03
CA ALA B 52 -0.69 5.14 1.94
C ALA B 52 0.81 4.96 2.19
N GLY B 53 1.21 3.73 2.53
CA GLY B 53 2.63 3.40 2.74
C GLY B 53 2.94 2.87 4.11
N GLN B 54 4.22 2.97 4.47
CA GLN B 54 4.73 2.56 5.77
C GLN B 54 5.24 3.83 6.47
N LEU B 55 4.49 4.26 7.49
CA LEU B 55 4.73 5.53 8.15
C LEU B 55 4.91 5.32 9.64
N GLY B 56 5.88 6.00 10.23
CA GLY B 56 6.08 5.91 11.66
C GLY B 56 6.54 7.23 12.26
N VAL B 57 6.50 7.29 13.59
CA VAL B 57 7.03 8.42 14.32
C VAL B 57 7.98 7.92 15.42
N ASN B 58 8.99 8.72 15.73
CA ASN B 58 9.94 8.36 16.78
C ASN B 58 9.65 9.07 18.10
N THR B 59 10.51 8.87 19.09
CA THR B 59 10.30 9.44 20.42
C THR B 59 10.28 10.98 20.40
N ALA B 60 10.98 11.57 19.43
CA ALA B 60 11.04 13.02 19.26
C ALA B 60 9.88 13.57 18.43
N ASN B 61 8.96 12.67 18.02
CA ASN B 61 7.80 13.01 17.18
C ASN B 61 8.16 13.36 15.74
N ASN B 62 9.38 13.05 15.33
CA ASN B 62 9.73 13.15 13.91
C ASN B 62 9.02 12.06 13.13
N ILE B 63 8.71 12.37 11.87
CA ILE B 63 7.88 11.52 11.03
C ILE B 63 8.77 10.86 9.97
N PHE B 64 8.59 9.55 9.79
CA PHE B 64 9.41 8.78 8.86
C PHE B 64 8.55 7.94 7.94
N LYS B 65 8.99 7.83 6.70
CA LYS B 65 8.32 7.00 5.70
C LYS B 65 9.34 6.04 5.12
N TYR B 66 8.99 4.76 5.04
CA TYR B 66 9.88 3.78 4.44
C TYR B 66 9.77 3.92 2.93
N GLN B 67 10.89 4.21 2.28
CA GLN B 67 10.89 4.31 0.82
C GLN B 67 12.26 4.00 0.27
N SER B 68 12.27 3.22 -0.81
CA SER B 68 13.50 2.94 -1.57
C SER B 68 14.58 2.29 -0.71
N GLY B 69 14.16 1.44 0.24
CA GLY B 69 15.10 0.62 1.01
C GLY B 69 15.38 1.06 2.43
N GLY B 70 14.77 2.15 2.88
CA GLY B 70 14.98 2.61 4.25
C GLY B 70 14.09 3.78 4.58
N PHE B 71 14.13 4.21 5.85
CA PHE B 71 13.31 5.33 6.30
C PHE B 71 13.89 6.67 5.87
N VAL B 72 13.01 7.56 5.42
CA VAL B 72 13.36 8.95 5.16
C VAL B 72 12.50 9.83 6.07
N GLN B 73 13.07 10.95 6.50
CA GLN B 73 12.35 11.86 7.37
C GLN B 73 11.49 12.83 6.57
N LEU B 74 10.23 12.94 6.96
CA LEU B 74 9.33 13.95 6.39
C LEU B 74 9.36 15.19 7.28
N ALA B 75 8.74 16.28 6.81
CA ALA B 75 8.60 17.48 7.62
C ALA B 75 7.38 17.35 8.53
N GLY B 76 7.44 18.01 9.69
CA GLY B 76 6.33 18.03 10.64
C GLY B 76 6.62 17.22 11.89
N LEU B 77 5.73 17.32 12.87
CA LEU B 77 5.82 16.53 14.10
C LEU B 77 4.48 15.88 14.43
N LEU B 78 4.52 14.58 14.69
CA LEU B 78 3.32 13.82 15.07
C LEU B 78 3.70 12.82 16.16
N LYS B 79 2.77 12.57 17.08
CA LYS B 79 2.96 11.51 18.08
C LYS B 79 2.35 10.18 17.64
N GLN B 80 1.49 10.23 16.63
CA GLN B 80 0.85 9.02 16.08
C GLN B 80 0.50 9.32 14.63
N VAL B 81 0.64 8.32 13.78
CA VAL B 81 0.46 8.48 12.34
C VAL B 81 -0.19 7.21 11.80
N ASP B 82 -1.05 7.36 10.81
CA ASP B 82 -1.73 6.23 10.20
C ASP B 82 -1.74 6.32 8.67
N ALA B 83 -1.55 5.16 8.05
CA ALA B 83 -1.47 5.02 6.60
C ALA B 83 -2.60 4.18 5.99
N GLY B 84 -3.72 4.07 6.72
CA GLY B 84 -4.83 3.23 6.28
C GLY B 84 -5.78 3.86 5.27
N GLY B 85 -5.70 5.18 5.12
CA GLY B 85 -6.57 5.91 4.19
C GLY B 85 -6.20 5.68 2.73
N ASP B 86 -6.97 6.29 1.84
CA ASP B 86 -6.82 6.03 0.41
C ASP B 86 -5.68 6.87 -0.15
N GLN B 87 -4.46 6.44 0.18
CA GLN B 87 -3.21 7.11 -0.20
C GLN B 87 -2.97 8.43 0.53
N ILE B 88 -3.81 8.70 1.52
CA ILE B 88 -3.64 9.84 2.42
C ILE B 88 -2.96 9.38 3.71
N ILE B 89 -2.22 10.30 4.34
CA ILE B 89 -1.66 10.06 5.67
C ILE B 89 -2.48 10.89 6.65
N ALA B 90 -2.64 10.38 7.87
CA ALA B 90 -3.32 11.13 8.92
C ALA B 90 -2.60 10.91 10.24
N GLY B 91 -2.78 11.84 11.17
CA GLY B 91 -2.17 11.69 12.47
C GLY B 91 -2.47 12.85 13.40
N VAL B 92 -1.87 12.79 14.58
CA VAL B 92 -2.06 13.82 15.60
C VAL B 92 -0.71 14.18 16.21
N ASN B 93 -0.58 15.41 16.68
CA ASN B 93 0.67 15.84 17.33
C ASN B 93 0.58 15.81 18.85
N MET B 94 1.64 16.26 19.52
CA MET B 94 1.73 16.18 20.98
C MET B 94 0.72 17.09 21.69
N TYR B 95 0.13 18.02 20.94
CA TYR B 95 -0.88 18.93 21.47
C TYR B 95 -2.28 18.52 21.02
N ASP B 96 -2.38 17.32 20.44
CA ASP B 96 -3.64 16.75 19.95
C ASP B 96 -4.24 17.49 18.74
N ASP B 97 -3.41 18.24 18.03
CA ASP B 97 -3.81 18.79 16.74
C ASP B 97 -3.88 17.65 15.72
N ILE B 98 -4.76 17.80 14.75
CA ILE B 98 -5.11 16.74 13.81
C ILE B 98 -4.68 17.15 12.41
N TYR B 99 -3.97 16.28 11.71
CA TYR B 99 -3.47 16.58 10.38
C TYR B 99 -3.72 15.46 9.39
N CYS B 100 -3.82 15.82 8.11
CA CYS B 100 -3.78 14.83 7.04
C CYS B 100 -2.94 15.32 5.87
N LEU B 101 -2.46 14.38 5.06
CA LEU B 101 -1.71 14.69 3.87
C LEU B 101 -2.43 14.08 2.68
N ASN B 102 -2.69 14.89 1.67
CA ASN B 102 -3.36 14.42 0.46
C ASN B 102 -2.49 13.50 -0.38
N MET B 103 -3.17 12.64 -1.14
CA MET B 103 -2.52 11.64 -1.98
C MET B 103 -1.41 12.22 -2.88
N ASP B 104 -1.72 13.30 -3.59
CA ASP B 104 -0.76 13.85 -4.55
C ASP B 104 0.50 14.35 -3.87
N ALA B 105 0.35 14.91 -2.66
CA ALA B 105 1.51 15.32 -1.85
C ALA B 105 2.27 14.12 -1.30
N ASN B 106 1.55 13.12 -0.82
CA ASN B 106 2.17 11.89 -0.31
C ASN B 106 3.07 11.26 -1.36
N ASN B 107 2.62 11.26 -2.61
CA ASN B 107 3.33 10.57 -3.69
C ASN B 107 4.40 11.41 -4.40
N LYS B 108 4.56 12.66 -3.97
CA LYS B 108 5.58 13.54 -4.56
C LYS B 108 6.92 13.41 -3.83
N TRP B 109 7.95 12.99 -4.55
CA TRP B 109 9.31 12.95 -4.03
C TRP B 109 10.31 13.13 -5.17
N PRO B 110 11.33 14.00 -4.99
CA PRO B 110 11.64 14.81 -3.81
C PRO B 110 10.59 15.86 -3.50
N SER B 111 10.55 16.27 -2.24
CA SER B 111 9.62 17.29 -1.78
C SER B 111 10.31 18.08 -0.66
N SER B 112 10.54 19.37 -0.90
CA SER B 112 11.19 20.26 0.07
C SER B 112 10.22 20.72 1.16
N ASN B 113 9.06 20.09 1.20
CA ASN B 113 7.96 20.49 2.05
C ASN B 113 7.01 19.30 2.18
N THR B 114 6.43 19.12 3.36
CA THR B 114 5.36 18.14 3.53
C THR B 114 4.10 18.92 3.89
N PRO B 115 3.22 19.14 2.90
CA PRO B 115 2.13 20.10 3.09
C PRO B 115 0.93 19.56 3.85
N TRP B 116 1.11 19.34 5.15
CA TRP B 116 0.03 18.90 6.03
C TRP B 116 -1.16 19.85 6.01
N VAL B 117 -2.36 19.27 6.04
CA VAL B 117 -3.60 20.00 6.17
C VAL B 117 -4.05 19.79 7.61
N GLN B 118 -4.41 20.86 8.31
CA GLN B 118 -4.92 20.71 9.67
C GLN B 118 -6.43 20.64 9.68
N LEU B 119 -6.98 19.63 10.33
CA LEU B 119 -8.42 19.54 10.54
C LEU B 119 -8.74 20.24 11.86
N ASN B 120 -9.86 20.95 11.91
CA ASN B 120 -10.26 21.63 13.14
C ASN B 120 -10.65 20.64 14.22
N GLY B 121 -10.06 20.79 15.40
CA GLY B 121 -10.41 19.95 16.54
C GLY B 121 -9.22 19.42 17.29
N LYS B 122 -9.50 18.53 18.24
CA LYS B 122 -8.46 17.88 19.05
C LYS B 122 -8.71 16.39 19.14
N LEU B 123 -7.69 15.60 18.86
CA LEU B 123 -7.74 14.13 19.03
C LEU B 123 -6.38 13.64 19.48
N LYS B 124 -6.37 12.56 20.25
CA LYS B 124 -5.11 11.92 20.67
C LYS B 124 -4.75 10.70 19.80
N TYR B 125 -5.66 10.29 18.93
CA TYR B 125 -5.46 9.11 18.08
C TYR B 125 -6.39 9.25 16.88
N TYR B 126 -5.88 8.97 15.69
CA TYR B 126 -6.66 9.19 14.46
C TYR B 126 -6.24 8.17 13.42
N SER B 127 -7.22 7.48 12.85
CA SER B 127 -6.97 6.38 11.92
C SER B 127 -7.93 6.50 10.74
N CYS B 128 -7.44 6.19 9.53
CA CYS B 128 -8.26 6.34 8.33
C CYS B 128 -8.51 5.05 7.59
N GLY B 129 -9.65 5.01 6.91
CA GLY B 129 -10.05 3.89 6.07
C GLY B 129 -10.48 4.37 4.70
N PRO B 130 -11.22 3.52 3.95
CA PRO B 130 -11.55 3.81 2.56
C PRO B 130 -12.43 5.03 2.32
N TYR B 131 -13.28 5.40 3.28
CA TYR B 131 -14.23 6.51 3.05
C TYR B 131 -14.48 7.38 4.28
N SER B 132 -13.69 7.18 5.33
CA SER B 132 -13.84 7.92 6.57
C SER B 132 -12.59 7.74 7.40
N CYS B 133 -12.47 8.56 8.45
CA CYS B 133 -11.47 8.38 9.48
C CYS B 133 -12.16 8.45 10.83
N TRP B 134 -11.61 7.73 11.81
CA TRP B 134 -12.13 7.74 13.16
C TRP B 134 -11.01 8.10 14.13
N GLY B 135 -11.38 8.78 15.20
CA GLY B 135 -10.41 9.11 16.24
C GLY B 135 -11.05 9.21 17.60
N VAL B 136 -10.20 9.35 18.62
CA VAL B 136 -10.65 9.61 19.98
C VAL B 136 -9.88 10.80 20.54
N ASN B 137 -10.53 11.55 21.42
CA ASN B 137 -9.87 12.68 22.09
C ASN B 137 -9.33 12.27 23.45
N SER B 138 -8.74 13.23 24.18
CA SER B 138 -8.09 12.94 25.44
C SER B 138 -9.05 12.51 26.55
N ASN B 139 -10.34 12.73 26.34
CA ASN B 139 -11.37 12.24 27.26
C ASN B 139 -12.00 10.93 26.78
N ASP B 140 -11.35 10.31 25.80
CA ASP B 140 -11.77 9.01 25.23
C ASP B 140 -13.10 9.06 24.45
N GLN B 141 -13.54 10.26 24.12
CA GLN B 141 -14.72 10.43 23.27
C GLN B 141 -14.37 10.13 21.81
N ILE B 142 -15.34 9.58 21.08
CA ILE B 142 -15.12 8.97 19.78
C ILE B 142 -15.75 9.81 18.68
N PHE B 143 -15.03 9.98 17.57
CA PHE B 143 -15.48 10.83 16.46
C PHE B 143 -15.21 10.19 15.11
N ILE B 144 -16.12 10.42 14.17
CA ILE B 144 -15.93 10.03 12.78
C ILE B 144 -15.90 11.27 11.89
N MET B 145 -14.96 11.29 10.96
CA MET B 145 -14.96 12.25 9.86
C MET B 145 -15.35 11.51 8.59
N LYS B 146 -16.48 11.89 8.01
CA LYS B 146 -17.00 11.19 6.84
C LYS B 146 -16.57 11.85 5.54
N ASP B 147 -16.74 11.08 4.46
CA ASP B 147 -16.43 11.45 3.05
C ASP B 147 -15.04 12.07 2.84
N VAL B 148 -14.08 11.46 3.51
CA VAL B 148 -12.68 11.70 3.29
C VAL B 148 -12.35 11.10 1.92
N SER B 149 -11.57 11.83 1.11
CA SER B 149 -11.15 11.33 -0.18
C SER B 149 -9.66 11.61 -0.41
N SER B 150 -9.09 10.98 -1.44
CA SER B 150 -7.64 11.01 -1.67
C SER B 150 -7.05 12.40 -1.72
N ASN B 151 -7.75 13.35 -2.34
CA ASN B 151 -7.23 14.71 -2.42
C ASN B 151 -8.12 15.75 -1.74
N VAL B 152 -9.03 15.26 -0.90
CA VAL B 152 -9.72 16.08 0.10
C VAL B 152 -9.65 15.29 1.40
N CYS B 153 -8.45 15.18 1.96
CA CYS B 153 -8.22 14.30 3.09
C CYS B 153 -8.96 14.74 4.34
N SER B 154 -9.30 16.02 4.42
CA SER B 154 -10.04 16.60 5.55
C SER B 154 -11.53 16.25 5.57
N GLY B 155 -12.03 15.66 4.49
CA GLY B 155 -13.43 15.20 4.41
C GLY B 155 -14.46 16.32 4.53
N SER B 156 -15.58 16.02 5.17
CA SER B 156 -16.68 16.97 5.31
C SER B 156 -16.30 18.22 6.12
N GLY B 157 -15.34 18.07 7.03
CA GLY B 157 -14.97 19.13 7.95
C GLY B 157 -15.83 19.17 9.20
N SER B 158 -16.73 18.20 9.36
CA SER B 158 -17.60 18.14 10.52
C SER B 158 -17.48 16.79 11.22
N PHE B 159 -16.68 16.75 12.29
CA PHE B 159 -16.60 15.55 13.12
C PHE B 159 -17.96 15.26 13.75
N ILE B 160 -18.37 13.99 13.69
CA ILE B 160 -19.60 13.54 14.32
C ILE B 160 -19.22 12.66 15.51
N ASN B 161 -19.77 12.97 16.67
CA ASN B 161 -19.54 12.17 17.85
C ASN B 161 -20.33 10.85 17.81
N ILE B 162 -19.64 9.77 18.12
CA ILE B 162 -20.24 8.45 18.23
C ILE B 162 -20.19 8.06 19.70
N PRO B 163 -21.36 7.83 20.33
CA PRO B 163 -21.39 7.51 21.76
C PRO B 163 -20.49 6.32 22.13
N GLY B 164 -19.85 6.44 23.28
CA GLY B 164 -18.95 5.41 23.80
C GLY B 164 -17.64 6.01 24.25
N LEU B 165 -16.76 5.17 24.79
CA LEU B 165 -15.43 5.59 25.22
C LEU B 165 -14.38 4.60 24.76
N LEU B 166 -13.36 5.11 24.08
CA LEU B 166 -12.23 4.29 23.63
C LEU B 166 -10.93 5.07 23.76
N SER B 167 -9.84 4.35 23.97
CA SER B 167 -8.51 4.95 24.13
C SER B 167 -7.72 4.98 22.83
N MET B 168 -7.99 4.02 21.95
CA MET B 168 -7.48 4.03 20.59
C MET B 168 -8.50 3.37 19.67
N ILE B 169 -8.35 3.56 18.36
CA ILE B 169 -9.32 3.10 17.38
C ILE B 169 -8.61 2.97 16.03
N GLU B 170 -8.93 1.90 15.29
CA GLU B 170 -8.34 1.67 13.97
C GLU B 170 -9.42 1.35 12.95
N VAL B 171 -9.22 1.83 11.72
CA VAL B 171 -10.13 1.60 10.61
C VAL B 171 -9.42 0.79 9.54
N ALA B 172 -10.04 -0.31 9.12
CA ALA B 172 -9.44 -1.25 8.17
C ALA B 172 -9.76 -0.90 6.73
N THR B 173 -9.03 -1.53 5.80
CA THR B 173 -9.22 -1.22 4.38
C THR B 173 -10.58 -1.65 3.85
N ASP B 174 -11.24 -2.61 4.53
CA ASP B 174 -12.61 -2.99 4.18
C ASP B 174 -13.65 -2.16 4.95
N GLY B 175 -13.19 -1.18 5.72
CA GLY B 175 -14.08 -0.30 6.47
C GLY B 175 -14.32 -0.69 7.91
N SER B 176 -13.86 -1.88 8.32
CA SER B 176 -14.10 -2.36 9.69
C SER B 176 -13.46 -1.43 10.72
N VAL B 177 -14.12 -1.32 11.87
CA VAL B 177 -13.68 -0.42 12.94
C VAL B 177 -13.59 -1.18 14.24
N PHE B 178 -12.42 -1.16 14.87
CA PHE B 178 -12.17 -1.80 16.17
C PHE B 178 -11.45 -0.82 17.09
N GLY B 179 -11.64 -0.98 18.39
CA GLY B 179 -10.96 -0.13 19.36
C GLY B 179 -10.80 -0.80 20.71
N VAL B 180 -9.93 -0.22 21.53
CA VAL B 180 -9.69 -0.68 22.89
C VAL B 180 -9.94 0.48 23.84
N ASN B 181 -10.62 0.21 24.96
CA ASN B 181 -10.88 1.26 25.95
C ASN B 181 -9.82 1.30 27.06
N SER B 182 -9.96 2.27 27.97
CA SER B 182 -8.97 2.48 29.03
C SER B 182 -8.89 1.31 30.01
N GLN B 183 -9.95 0.52 30.07
CA GLN B 183 -10.02 -0.64 30.96
C GLN B 183 -9.50 -1.92 30.29
N GLY B 184 -9.08 -1.82 29.04
CA GLY B 184 -8.53 -2.96 28.33
C GLY B 184 -9.55 -3.84 27.65
N ASN B 185 -10.80 -3.38 27.55
CA ASN B 185 -11.83 -4.09 26.79
C ASN B 185 -11.68 -3.78 25.29
N LEU B 186 -12.12 -4.72 24.46
CA LEU B 186 -12.01 -4.64 23.02
C LEU B 186 -13.40 -4.61 22.38
N TYR B 187 -13.60 -3.71 21.42
CA TYR B 187 -14.90 -3.54 20.75
C TYR B 187 -14.78 -3.49 19.25
N GLN B 188 -15.79 -4.00 18.56
CA GLN B 188 -15.99 -3.75 17.14
C GLN B 188 -17.22 -2.88 16.95
N ARG B 189 -17.14 -1.95 16.00
CA ARG B 189 -18.33 -1.21 15.57
C ARG B 189 -19.13 -2.07 14.61
N THR B 190 -20.39 -2.31 14.96
CA THR B 190 -21.30 -3.09 14.12
C THR B 190 -21.96 -2.19 13.08
N GLY B 191 -22.40 -2.80 11.99
CA GLY B 191 -23.22 -2.13 10.99
C GLY B 191 -22.53 -1.06 10.15
N VAL B 192 -21.21 -1.07 10.11
CA VAL B 192 -20.45 -0.09 9.32
C VAL B 192 -20.47 -0.47 7.84
N THR B 193 -20.97 0.43 7.00
CA THR B 193 -20.98 0.25 5.54
C THR B 193 -20.79 1.62 4.88
N ARG B 194 -20.65 1.63 3.55
CA ARG B 194 -20.65 2.89 2.82
C ARG B 194 -21.95 3.67 3.00
N SER B 195 -23.08 2.96 3.09
CA SER B 195 -24.39 3.57 3.33
C SER B 195 -24.54 4.09 4.77
N LYS B 196 -23.83 3.46 5.70
CA LYS B 196 -23.91 3.81 7.12
C LYS B 196 -22.48 3.83 7.72
N PRO B 197 -21.69 4.86 7.38
CA PRO B 197 -20.28 4.87 7.80
C PRO B 197 -20.10 4.91 9.33
N ASP B 198 -21.09 5.45 10.03
CA ASP B 198 -21.02 5.52 11.49
C ASP B 198 -21.38 4.21 12.20
N GLY B 199 -21.93 3.24 11.46
CA GLY B 199 -22.36 1.98 12.07
C GLY B 199 -23.51 2.17 13.05
N THR B 200 -23.76 1.15 13.87
CA THR B 200 -24.97 1.12 14.70
C THR B 200 -24.70 0.98 16.19
N ASP B 201 -23.70 0.19 16.56
CA ASP B 201 -23.44 -0.11 17.97
C ASP B 201 -22.01 -0.62 18.15
N TRP B 202 -21.64 -0.84 19.40
CA TRP B 202 -20.37 -1.47 19.77
C TRP B 202 -20.64 -2.84 20.34
N ILE B 203 -19.82 -3.81 19.94
CA ILE B 203 -19.89 -5.16 20.51
C ILE B 203 -18.56 -5.57 21.13
N SER B 204 -18.61 -6.03 22.38
CA SER B 204 -17.44 -6.47 23.11
C SER B 204 -17.02 -7.87 22.65
N MET B 205 -15.71 -8.10 22.62
CA MET B 205 -15.16 -9.42 22.35
C MET B 205 -13.79 -9.53 22.99
N VAL B 206 -13.35 -10.76 23.24
CA VAL B 206 -12.07 -10.98 23.90
C VAL B 206 -11.14 -11.86 23.06
N ALA B 207 -9.91 -11.37 22.85
CA ALA B 207 -8.82 -12.15 22.29
C ALA B 207 -7.75 -12.45 23.35
N CYS B 208 -7.57 -11.51 24.27
CA CYS B 208 -6.49 -11.56 25.26
C CYS B 208 -7.03 -11.92 26.62
N PRO B 209 -6.62 -13.08 27.17
CA PRO B 209 -7.13 -13.47 28.49
C PRO B 209 -6.77 -12.49 29.59
N ASN B 210 -5.74 -11.69 29.35
CA ASN B 210 -5.21 -10.76 30.34
C ASN B 210 -5.53 -9.28 30.04
N GLY B 211 -6.41 -9.05 29.05
CA GLY B 211 -6.81 -7.70 28.68
C GLY B 211 -6.08 -7.20 27.45
N HIS B 212 -6.63 -6.17 26.81
CA HIS B 212 -6.14 -5.70 25.52
C HIS B 212 -5.49 -4.33 25.63
N LYS B 213 -4.47 -4.10 24.80
CA LYS B 213 -3.75 -2.84 24.77
C LYS B 213 -3.89 -2.11 23.43
N HIS B 214 -3.85 -2.85 22.32
CA HIS B 214 -3.87 -2.25 20.99
C HIS B 214 -4.50 -3.23 20.00
N VAL B 215 -5.15 -2.69 18.98
CA VAL B 215 -5.83 -3.51 17.97
C VAL B 215 -5.65 -2.95 16.57
N SER B 216 -5.58 -3.84 15.58
CA SER B 216 -5.66 -3.46 14.18
C SER B 216 -6.20 -4.64 13.37
N PHE B 217 -6.92 -4.35 12.29
CA PHE B 217 -7.56 -5.38 11.46
C PHE B 217 -7.18 -5.22 10.00
N ASP B 218 -6.95 -6.34 9.32
CA ASP B 218 -6.72 -6.31 7.88
C ASP B 218 -7.03 -7.66 7.25
N LEU B 219 -7.83 -7.63 6.20
CA LEU B 219 -8.09 -8.82 5.36
C LEU B 219 -8.49 -10.05 6.18
N GLY B 220 -9.47 -9.84 7.05
CA GLY B 220 -10.09 -10.96 7.79
C GLY B 220 -9.34 -11.39 9.02
N VAL B 221 -8.26 -10.68 9.35
CA VAL B 221 -7.44 -11.05 10.51
C VAL B 221 -7.33 -9.86 11.47
N LEU B 222 -7.73 -10.11 12.72
CA LEU B 222 -7.67 -9.12 13.77
C LEU B 222 -6.40 -9.37 14.59
N TRP B 223 -5.61 -8.31 14.76
CA TRP B 223 -4.35 -8.37 15.50
C TRP B 223 -4.47 -7.63 16.81
N LEU B 224 -4.10 -8.31 17.90
CA LEU B 224 -4.10 -7.71 19.23
C LEU B 224 -2.74 -7.68 19.87
N VAL B 225 -2.44 -6.57 20.52
CA VAL B 225 -1.40 -6.51 21.53
C VAL B 225 -2.14 -6.56 22.86
N CYS B 226 -1.80 -7.56 23.67
CA CYS B 226 -2.42 -7.73 24.99
C CYS B 226 -1.73 -6.82 26.00
N VAL B 227 -2.31 -6.72 27.20
CA VAL B 227 -1.77 -5.83 28.24
C VAL B 227 -0.31 -6.16 28.56
N ASP B 228 0.05 -7.45 28.51
CA ASP B 228 1.43 -7.87 28.77
C ASP B 228 2.34 -7.78 27.54
N GLY B 229 1.83 -7.22 26.45
CA GLY B 229 2.61 -7.07 25.22
C GLY B 229 2.60 -8.27 24.30
N SER B 230 1.98 -9.37 24.73
CA SER B 230 1.85 -10.55 23.87
C SER B 230 0.92 -10.29 22.69
N ILE B 231 1.01 -11.15 21.67
CA ILE B 231 0.38 -10.90 20.38
C ILE B 231 -0.62 -12.01 20.05
N ARG B 232 -1.86 -11.61 19.77
CA ARG B 232 -2.88 -12.54 19.31
C ARG B 232 -3.25 -12.24 17.85
N LYS B 233 -3.33 -13.31 17.05
CA LYS B 233 -3.75 -13.24 15.65
C LYS B 233 -5.08 -13.98 15.56
N CYS B 234 -6.14 -13.27 15.17
CA CYS B 234 -7.49 -13.83 15.27
C CYS B 234 -8.29 -13.72 13.99
N ILE B 235 -9.20 -14.68 13.79
CA ILE B 235 -10.24 -14.54 12.78
C ILE B 235 -11.59 -14.40 13.48
N LEU B 236 -12.52 -13.75 12.80
CA LEU B 236 -13.86 -13.48 13.32
C LEU B 236 -14.76 -14.72 13.18
N THR B 237 -15.69 -14.87 14.11
CA THR B 237 -16.71 -15.93 14.03
C THR B 237 -18.11 -15.32 14.04
C1 NAG C . 10.45 -19.62 -13.54
C2 NAG C . 10.79 -21.06 -13.90
C3 NAG C . 10.87 -21.21 -15.41
C4 NAG C . 9.61 -20.66 -16.08
C5 NAG C . 9.36 -19.22 -15.61
C6 NAG C . 8.08 -18.61 -16.16
C7 NAG C . 12.14 -22.11 -12.15
C8 NAG C . 13.52 -22.54 -11.75
N2 NAG C . 12.05 -21.53 -13.34
O3 NAG C . 11.02 -22.56 -15.74
O4 NAG C . 9.83 -20.71 -17.48
O5 NAG C . 9.27 -19.21 -14.19
O6 NAG C . 6.98 -19.38 -15.76
O7 NAG C . 11.18 -22.26 -11.38
C1 NAG C . 8.71 -21.27 -18.18
C2 NAG C . 8.99 -21.11 -19.67
C3 NAG C . 7.85 -21.71 -20.49
C4 NAG C . 7.45 -23.11 -20.02
C5 NAG C . 7.36 -23.22 -18.49
C6 NAG C . 7.29 -24.70 -18.10
C7 NAG C . 10.36 -19.11 -20.06
C8 NAG C . 10.33 -17.65 -20.40
N2 NAG C . 9.16 -19.71 -19.98
O3 NAG C . 8.28 -21.80 -21.83
O4 NAG C . 6.20 -23.42 -20.59
O5 NAG C . 8.48 -22.64 -17.86
O6 NAG C . 7.09 -24.80 -16.71
O7 NAG C . 11.43 -19.68 -19.88
C1 NAG D . 10.47 4.32 23.52
C2 NAG D . 11.51 4.64 24.59
C3 NAG D . 10.79 5.10 25.86
C4 NAG D . 9.82 6.24 25.54
C5 NAG D . 8.87 5.82 24.40
C6 NAG D . 7.92 6.93 23.96
C7 NAG D . 13.54 3.36 24.18
C8 NAG D . 14.39 2.19 24.60
N2 NAG D . 12.41 3.54 24.88
O3 NAG D . 11.75 5.53 26.80
O4 NAG D . 9.11 6.57 26.71
O5 NAG D . 9.65 5.45 23.27
O6 NAG D . 8.67 8.04 23.50
O7 NAG D . 13.90 4.07 23.24
C1 NAG D . 9.17 8.00 26.94
C2 NAG D . 8.22 8.37 28.07
C3 NAG D . 8.25 9.88 28.34
C4 NAG D . 9.68 10.45 28.38
C5 NAG D . 10.50 9.94 27.19
C6 NAG D . 11.95 10.42 27.25
C7 NAG D . 6.33 6.79 28.11
C8 NAG D . 4.93 6.54 27.64
N2 NAG D . 6.87 7.95 27.72
O3 NAG D . 7.61 10.15 29.57
O4 NAG D . 9.63 11.86 28.35
O5 NAG D . 10.46 8.52 27.17
O6 NAG D . 12.53 10.25 25.98
O7 NAG D . 6.90 5.96 28.81
CA CA E . 4.05 -1.38 -10.76
C1 IPA F . 8.69 4.45 -27.09
C2 IPA F . 8.96 5.13 -28.44
C3 IPA F . 10.28 5.90 -28.38
O2 IPA F . 9.03 4.15 -29.47
C1 IPA G . -7.01 -1.68 -28.13
C2 IPA G . -6.00 -2.75 -27.73
C3 IPA G . -5.56 -2.58 -26.28
O2 IPA G . -6.57 -4.06 -27.90
C1 GOL H . 3.10 -18.96 -2.75
O1 GOL H . 3.22 -19.55 -1.46
C2 GOL H . 3.66 -19.90 -3.82
O2 GOL H . 5.08 -20.02 -3.64
C3 GOL H . 3.37 -19.33 -5.19
O3 GOL H . 3.95 -20.16 -6.21
CA CA I . -4.05 1.50 10.57
C1 IPA J . 9.65 -10.65 17.90
C2 IPA J . 9.48 -9.34 18.69
C3 IPA J . 8.23 -8.59 18.25
O2 IPA J . 9.39 -9.62 20.09
C1 IPA K . -18.98 0.53 24.39
C2 IPA K . -17.72 1.38 24.49
C3 IPA K . -17.11 1.68 23.13
O2 IPA K . -18.01 2.60 25.17
C1 IPA L . -16.08 -11.99 18.44
C2 IPA L . -16.34 -12.42 16.99
C3 IPA L . -16.03 -11.29 16.03
O2 IPA L . -15.50 -13.54 16.71
C1 GOL M . 13.59 6.81 13.16
O1 GOL M . 13.84 7.22 14.51
C2 GOL M . 14.90 6.42 12.50
O2 GOL M . 15.49 5.35 13.26
C3 GOL M . 14.62 5.97 11.08
O3 GOL M . 15.85 5.72 10.40
C1 GOL N . -14.29 17.47 17.33
O1 GOL N . -14.57 18.86 17.04
C2 GOL N . -12.93 17.26 18.00
O2 GOL N . -12.43 18.49 18.53
C3 GOL N . -13.07 16.22 19.11
O3 GOL N . -12.31 16.51 20.29
#